data_5JDS
#
_entry.id   5JDS
#
_cell.length_a   83.130
_cell.length_b   83.130
_cell.length_c   73.230
_cell.angle_alpha   90.00
_cell.angle_beta   90.00
_cell.angle_gamma   120.00
#
_symmetry.space_group_name_H-M   'P 61'
#
loop_
_entity.id
_entity.type
_entity.pdbx_description
1 polymer Nanobody
2 polymer 'Programmed cell death 1 ligand 1'
3 non-polymer 'SODIUM ION'
4 non-polymer 'CHLORIDE ION'
5 non-polymer 'SULFATE ION'
6 water water
#
loop_
_entity_poly.entity_id
_entity_poly.type
_entity_poly.pdbx_seq_one_letter_code
_entity_poly.pdbx_strand_id
1 'polypeptide(L)'
;TGQVQLQESGGGLVQPGGSLRLSCAASGKMSSRRCMAWFRQAPGKERERVAKLLTTSGSTYLADSVKGRFTISQNNAKST
VYLQMNSLKPEDTAMYYCAADSFEDPTCTLVTSSGAFQYWGQGTQVTVSSGSMDPGGSHHHHHHHH
;
B
2 'polypeptide(L)'
;MAFTVTVPKDLYVVEYGSNMTIECKFPVEKQLDLAALIVYWEMEDKNIIQFVHGEEDLKVQHSSYRQRARLLKDQLSLGN
AALQITDVKLQDAGVYRCMISYGGADYKRITVKVNALEHHHHHH
;
A
#
loop_
_chem_comp.id
_chem_comp.type
_chem_comp.name
_chem_comp.formula
CL non-polymer 'CHLORIDE ION' 'Cl -1'
NA non-polymer 'SODIUM ION' 'Na 1'
SO4 non-polymer 'SULFATE ION' 'O4 S -2'
#
# COMPACT_ATOMS: atom_id res chain seq x y z
N GLN A 3 8.11 -3.51 14.38
CA GLN A 3 6.93 -3.46 13.48
C GLN A 3 6.93 -4.74 12.64
N VAL A 4 6.66 -4.63 11.34
CA VAL A 4 6.33 -5.80 10.55
C VAL A 4 7.57 -6.50 10.00
N GLN A 5 7.56 -7.83 10.09
CA GLN A 5 8.57 -8.66 9.45
C GLN A 5 7.87 -9.68 8.56
N LEU A 6 8.51 -9.98 7.44
CA LEU A 6 8.00 -10.92 6.44
C LEU A 6 9.10 -11.88 5.99
N GLN A 7 8.80 -13.17 5.98
CA GLN A 7 9.77 -14.18 5.54
C GLN A 7 9.12 -15.25 4.67
N GLU A 8 9.62 -15.31 3.43
CA GLU A 8 9.11 -16.23 2.42
C GLU A 8 9.76 -17.59 2.59
N SER A 9 9.01 -18.59 2.13
CA SER A 9 9.58 -19.91 1.89
C SER A 9 8.78 -20.50 0.73
N GLY A 10 9.27 -21.60 0.15
CA GLY A 10 8.49 -22.37 -0.85
C GLY A 10 8.95 -22.45 -2.30
N GLY A 11 10.00 -21.70 -2.62
CA GLY A 11 10.57 -21.66 -3.96
C GLY A 11 11.18 -22.94 -4.46
N GLY A 12 11.47 -23.03 -5.74
CA GLY A 12 12.02 -24.24 -6.29
C GLY A 12 12.04 -24.22 -7.79
N LEU A 13 12.22 -25.40 -8.37
CA LEU A 13 12.29 -25.54 -9.80
C LEU A 13 11.28 -26.57 -10.22
N VAL A 14 10.46 -26.22 -11.21
CA VAL A 14 9.53 -27.15 -11.81
C VAL A 14 9.59 -27.16 -13.33
N GLN A 15 9.13 -28.26 -13.90
CA GLN A 15 8.84 -28.34 -15.32
C GLN A 15 7.51 -27.61 -15.59
N PRO A 16 7.30 -27.17 -16.84
CA PRO A 16 6.02 -26.55 -17.16
C PRO A 16 4.85 -27.45 -16.83
N GLY A 17 3.76 -26.83 -16.39
CA GLY A 17 2.63 -27.54 -15.84
C GLY A 17 2.77 -27.84 -14.35
N GLY A 18 3.98 -27.67 -13.80
CA GLY A 18 4.24 -28.04 -12.40
C GLY A 18 3.62 -27.05 -11.40
N SER A 19 3.79 -27.31 -10.10
CA SER A 19 3.23 -26.43 -9.06
CA SER A 19 3.22 -26.45 -9.05
C SER A 19 4.21 -26.20 -7.93
N LEU A 20 4.08 -25.02 -7.31
CA LEU A 20 4.81 -24.67 -6.10
C LEU A 20 3.82 -23.93 -5.19
N ARG A 21 4.14 -23.93 -3.90
CA ARG A 21 3.36 -23.19 -2.92
C ARG A 21 4.28 -22.33 -2.11
N LEU A 22 4.10 -21.02 -2.26
CA LEU A 22 4.90 -20.07 -1.48
C LEU A 22 4.16 -19.72 -0.20
N SER A 23 4.92 -19.41 0.85
CA SER A 23 4.39 -18.94 2.14
C SER A 23 5.11 -17.70 2.54
N CYS A 24 4.39 -16.81 3.20
CA CYS A 24 4.97 -15.63 3.72
C CYS A 24 4.58 -15.57 5.19
N ALA A 25 5.56 -15.74 6.07
CA ALA A 25 5.35 -15.67 7.50
C ALA A 25 5.37 -14.20 7.89
N ALA A 26 4.24 -13.73 8.38
CA ALA A 26 4.04 -12.31 8.68
C ALA A 26 3.84 -12.09 10.18
N SER A 27 4.50 -11.06 10.70
CA SER A 27 4.44 -10.71 12.11
C SER A 27 4.42 -9.20 12.26
N GLY A 28 4.06 -8.74 13.44
CA GLY A 28 3.94 -7.30 13.71
C GLY A 28 2.47 -6.93 13.80
N LYS A 29 2.21 -5.67 14.14
CA LYS A 29 0.87 -5.19 14.35
C LYS A 29 -0.03 -5.47 13.15
N MET A 30 -1.19 -6.10 13.34
CA MET A 30 -1.97 -6.57 12.20
C MET A 30 -2.42 -5.41 11.29
N SER A 31 -2.81 -4.28 11.90
CA SER A 31 -3.17 -3.08 11.16
C SER A 31 -2.07 -2.58 10.21
N SER A 32 -0.81 -2.86 10.54
CA SER A 32 0.32 -2.40 9.73
C SER A 32 0.58 -3.28 8.53
N ARG A 33 -0.06 -4.45 8.51
CA ARG A 33 0.12 -5.43 7.43
C ARG A 33 -1.21 -5.96 6.89
N ARG A 34 -2.28 -5.17 6.98
CA ARG A 34 -3.60 -5.62 6.47
C ARG A 34 -3.68 -5.76 4.95
N CYS A 35 -2.84 -5.02 4.25
CA CYS A 35 -2.72 -5.10 2.79
C CYS A 35 -1.52 -6.01 2.48
N MET A 36 -1.80 -7.22 2.05
CA MET A 36 -0.75 -8.19 1.71
C MET A 36 -0.71 -8.36 0.20
N ALA A 37 0.49 -8.54 -0.34
CA ALA A 37 0.60 -8.75 -1.77
C ALA A 37 1.75 -9.69 -2.08
N TRP A 38 1.68 -10.33 -3.25
CA TRP A 38 2.80 -11.00 -3.86
C TRP A 38 3.25 -10.25 -5.10
N PHE A 39 4.55 -9.98 -5.17
CA PHE A 39 5.22 -9.37 -6.32
C PHE A 39 6.21 -10.36 -6.92
N ARG A 40 6.57 -10.16 -8.17
CA ARG A 40 7.62 -10.98 -8.76
C ARG A 40 8.55 -10.12 -9.60
N GLN A 41 9.82 -10.52 -9.67
CA GLN A 41 10.79 -9.80 -10.47
C GLN A 41 11.60 -10.78 -11.30
N ALA A 42 11.47 -10.69 -12.61
CA ALA A 42 12.39 -11.41 -13.50
C ALA A 42 13.64 -10.57 -13.72
N PRO A 43 14.82 -11.21 -13.92
CA PRO A 43 15.97 -10.36 -14.21
C PRO A 43 15.78 -9.58 -15.50
N GLY A 44 16.19 -8.32 -15.47
CA GLY A 44 15.99 -7.40 -16.58
C GLY A 44 14.64 -6.70 -16.52
N LYS A 45 13.90 -6.90 -15.42
CA LYS A 45 12.55 -6.33 -15.30
C LYS A 45 12.26 -5.77 -13.92
N GLU A 46 11.20 -4.96 -13.84
CA GLU A 46 10.78 -4.32 -12.59
C GLU A 46 9.94 -5.30 -11.77
N ARG A 47 9.83 -5.08 -10.45
CA ARG A 47 8.91 -5.88 -9.65
C ARG A 47 7.51 -5.56 -10.14
N GLU A 48 6.72 -6.61 -10.35
CA GLU A 48 5.33 -6.48 -10.78
C GLU A 48 4.43 -7.24 -9.79
N ARG A 49 3.29 -6.65 -9.47
CA ARG A 49 2.40 -7.30 -8.55
C ARG A 49 1.65 -8.39 -9.27
N VAL A 50 1.45 -9.53 -8.59
CA VAL A 50 0.56 -10.59 -9.13
C VAL A 50 -0.66 -10.93 -8.27
N ALA A 51 -0.67 -10.60 -6.98
CA ALA A 51 -1.78 -10.98 -6.11
C ALA A 51 -1.86 -10.03 -4.93
N LYS A 52 -3.09 -9.87 -4.43
CA LYS A 52 -3.41 -9.00 -3.31
C LYS A 52 -4.46 -9.67 -2.43
N LEU A 53 -4.33 -9.45 -1.13
CA LEU A 53 -5.30 -9.87 -0.11
C LEU A 53 -5.41 -8.78 0.94
N LEU A 54 -6.64 -8.33 1.22
CA LEU A 54 -6.86 -7.49 2.39
C LEU A 54 -7.26 -8.46 3.53
N THR A 55 -6.46 -8.49 4.58
CA THR A 55 -6.57 -9.59 5.53
C THR A 55 -7.85 -9.53 6.34
N THR A 56 -8.37 -8.33 6.53
CA THR A 56 -9.51 -8.12 7.44
C THR A 56 -10.84 -8.54 6.79
N SER A 57 -10.97 -8.27 5.52
CA SER A 57 -12.16 -8.67 4.72
C SER A 57 -11.99 -9.98 3.98
N GLY A 58 -10.75 -10.43 3.81
CA GLY A 58 -10.50 -11.60 3.00
C GLY A 58 -10.57 -11.40 1.50
N SER A 59 -10.80 -10.15 1.07
CA SER A 59 -10.96 -9.81 -0.34
C SER A 59 -9.66 -9.94 -1.10
N THR A 60 -9.68 -10.70 -2.18
CA THR A 60 -8.47 -10.95 -2.97
C THR A 60 -8.55 -10.40 -4.38
N TYR A 61 -7.39 -10.32 -5.04
CA TYR A 61 -7.29 -9.84 -6.40
C TYR A 61 -6.08 -10.49 -7.06
N LEU A 62 -6.24 -10.95 -8.31
CA LEU A 62 -5.17 -11.59 -9.05
C LEU A 62 -4.93 -10.84 -10.34
N ALA A 63 -3.67 -10.60 -10.66
CA ALA A 63 -3.28 -9.99 -11.96
C ALA A 63 -3.77 -10.85 -13.12
N ASP A 64 -4.07 -10.23 -14.26
CA ASP A 64 -4.59 -10.97 -15.41
C ASP A 64 -3.63 -12.08 -15.83
N SER A 65 -2.33 -11.86 -15.68
CA SER A 65 -1.32 -12.83 -16.09
C SER A 65 -1.41 -14.16 -15.34
N VAL A 66 -1.99 -14.16 -14.15
CA VAL A 66 -2.03 -15.37 -13.32
C VAL A 66 -3.42 -15.82 -12.89
N LYS A 67 -4.46 -15.06 -13.25
CA LYS A 67 -5.84 -15.45 -12.96
C LYS A 67 -6.10 -16.88 -13.42
N GLY A 68 -6.67 -17.71 -12.54
CA GLY A 68 -7.02 -19.10 -12.88
C GLY A 68 -5.93 -20.15 -12.69
N ARG A 69 -4.74 -19.69 -12.31
CA ARG A 69 -3.58 -20.52 -12.08
C ARG A 69 -3.05 -20.33 -10.66
N PHE A 70 -2.99 -19.07 -10.21
CA PHE A 70 -2.50 -18.75 -8.86
C PHE A 70 -3.64 -18.41 -7.90
N THR A 71 -3.42 -18.69 -6.63
CA THR A 71 -4.38 -18.32 -5.57
C THR A 71 -3.69 -17.74 -4.35
N ILE A 72 -4.23 -16.65 -3.81
CA ILE A 72 -3.69 -16.06 -2.58
C ILE A 72 -4.66 -16.30 -1.40
N SER A 73 -4.12 -16.66 -0.24
CA SER A 73 -4.93 -17.01 0.96
C SER A 73 -4.10 -16.79 2.22
N GLN A 74 -4.74 -16.95 3.39
CA GLN A 74 -4.03 -16.86 4.67
C GLN A 74 -4.52 -17.95 5.64
N ASN A 75 -3.75 -18.22 6.70
CA ASN A 75 -4.16 -19.17 7.70
C ASN A 75 -5.08 -18.48 8.74
N ASN A 76 -5.68 -19.28 9.61
CA ASN A 76 -6.60 -18.76 10.63
C ASN A 76 -6.01 -17.70 11.54
N ALA A 77 -4.76 -17.87 11.95
CA ALA A 77 -4.13 -16.92 12.85
C ALA A 77 -3.70 -15.67 12.11
N LYS A 78 -3.72 -15.75 10.76
CA LYS A 78 -3.24 -14.72 9.81
C LYS A 78 -1.78 -14.37 9.99
N SER A 79 -1.00 -15.35 10.41
CA SER A 79 0.44 -15.18 10.55
C SER A 79 1.15 -15.69 9.31
N THR A 80 0.39 -16.30 8.41
CA THR A 80 0.96 -16.86 7.19
C THR A 80 0.06 -16.59 5.99
N VAL A 81 0.66 -16.07 4.90
CA VAL A 81 -0.06 -15.78 3.69
C VAL A 81 0.56 -16.66 2.60
N TYR A 82 -0.28 -17.26 1.77
CA TYR A 82 0.16 -18.23 0.76
C TYR A 82 -0.05 -17.73 -0.65
N LEU A 83 0.80 -18.18 -1.56
CA LEU A 83 0.56 -18.11 -3.00
C LEU A 83 0.68 -19.53 -3.55
N GLN A 84 -0.45 -20.11 -3.92
CA GLN A 84 -0.50 -21.44 -4.56
C GLN A 84 -0.37 -21.23 -6.07
N MET A 85 0.69 -21.78 -6.65
CA MET A 85 1.03 -21.52 -8.05
C MET A 85 0.86 -22.81 -8.82
N ASN A 86 -0.27 -22.94 -9.51
CA ASN A 86 -0.48 -24.09 -10.41
C ASN A 86 -0.24 -23.74 -11.88
N SER A 87 -0.12 -24.78 -12.70
CA SER A 87 0.03 -24.65 -14.16
C SER A 87 1.15 -23.69 -14.53
N LEU A 88 2.29 -23.87 -13.89
CA LEU A 88 3.39 -22.94 -14.06
C LEU A 88 3.91 -22.96 -15.50
N LYS A 89 4.32 -21.80 -15.98
CA LYS A 89 4.83 -21.61 -17.33
C LYS A 89 6.22 -20.99 -17.24
N PRO A 90 7.05 -21.16 -18.28
CA PRO A 90 8.39 -20.58 -18.23
C PRO A 90 8.40 -19.09 -17.93
N GLU A 91 7.41 -18.36 -18.43
CA GLU A 91 7.36 -16.92 -18.17
C GLU A 91 7.06 -16.55 -16.70
N ASP A 92 6.68 -17.53 -15.88
CA ASP A 92 6.52 -17.27 -14.45
C ASP A 92 7.86 -17.28 -13.66
N THR A 93 8.95 -17.61 -14.34
CA THR A 93 10.26 -17.66 -13.69
C THR A 93 10.60 -16.27 -13.17
N ALA A 94 10.95 -16.19 -11.88
CA ALA A 94 11.25 -14.92 -11.19
C ALA A 94 11.60 -15.15 -9.75
N MET A 95 12.18 -14.13 -9.10
CA MET A 95 12.17 -14.03 -7.63
C MET A 95 10.81 -13.53 -7.21
N TYR A 96 10.20 -14.19 -6.23
CA TYR A 96 8.87 -13.82 -5.74
C TYR A 96 8.99 -13.26 -4.35
N TYR A 97 8.31 -12.13 -4.13
CA TYR A 97 8.37 -11.42 -2.89
C TYR A 97 7.00 -11.24 -2.30
N CYS A 98 6.93 -11.40 -1.00
CA CYS A 98 5.73 -10.92 -0.31
CA CYS A 98 5.81 -10.97 -0.19
C CYS A 98 5.99 -9.51 0.20
N ALA A 99 4.91 -8.71 0.19
CA ALA A 99 4.96 -7.31 0.61
C ALA A 99 3.74 -7.04 1.47
N ALA A 100 3.85 -6.08 2.40
CA ALA A 100 2.75 -5.71 3.29
C ALA A 100 2.75 -4.22 3.59
N ASP A 101 1.56 -3.73 3.85
CA ASP A 101 1.38 -2.36 4.33
C ASP A 101 -0.01 -2.21 4.93
N SER A 102 -0.37 -1.00 5.29
CA SER A 102 -1.58 -0.76 6.04
C SER A 102 -2.81 -0.37 5.22
N PHE A 103 -2.67 -0.34 3.90
CA PHE A 103 -3.71 0.27 3.05
C PHE A 103 -5.03 -0.47 3.21
N GLU A 104 -6.10 0.28 3.49
CA GLU A 104 -7.44 -0.25 3.40
C GLU A 104 -7.81 -0.37 1.92
N ASP A 105 -8.88 -1.10 1.66
CA ASP A 105 -9.47 -1.06 0.32
C ASP A 105 -10.31 0.20 0.13
N PRO A 106 -10.49 0.64 -1.13
CA PRO A 106 -10.00 0.08 -2.38
C PRO A 106 -8.53 0.33 -2.69
N THR A 107 -7.84 1.22 -2.00
CA THR A 107 -6.44 1.50 -2.32
C THR A 107 -5.59 0.23 -2.40
N CYS A 108 -5.73 -0.67 -1.42
CA CYS A 108 -4.95 -1.91 -1.40
C CYS A 108 -5.08 -2.67 -2.74
N THR A 109 -6.30 -2.83 -3.23
CA THR A 109 -6.53 -3.47 -4.53
C THR A 109 -5.90 -2.73 -5.70
N LEU A 110 -6.03 -1.40 -5.69
CA LEU A 110 -5.70 -0.62 -6.85
C LEU A 110 -4.24 -0.23 -6.98
N VAL A 111 -3.47 -0.31 -5.90
CA VAL A 111 -2.05 0.11 -5.91
C VAL A 111 -1.14 -1.04 -6.25
N THR A 112 -0.65 -1.03 -7.48
CA THR A 112 0.16 -2.11 -7.99
C THR A 112 1.64 -1.79 -7.98
N SER A 113 2.02 -0.53 -7.78
CA SER A 113 3.44 -0.16 -7.77
CA SER A 113 3.44 -0.16 -7.79
C SER A 113 4.15 -0.65 -6.52
N SER A 114 5.30 -1.29 -6.68
CA SER A 114 6.13 -1.73 -5.54
C SER A 114 6.55 -0.57 -4.63
N GLY A 115 6.71 0.62 -5.19
CA GLY A 115 7.00 1.83 -4.41
C GLY A 115 6.06 2.17 -3.28
N ALA A 116 4.80 1.70 -3.35
CA ALA A 116 3.79 1.99 -2.33
C ALA A 116 4.06 1.22 -1.03
N PHE A 117 4.65 0.04 -1.14
CA PHE A 117 4.70 -0.91 -0.02
C PHE A 117 6.00 -0.74 0.76
N GLN A 118 5.86 -0.60 2.09
CA GLN A 118 7.00 -0.39 2.94
C GLN A 118 7.66 -1.67 3.48
N TYR A 119 6.90 -2.76 3.60
CA TYR A 119 7.42 -3.99 4.12
C TYR A 119 7.59 -5.07 3.06
N TRP A 120 8.74 -5.72 3.09
CA TRP A 120 9.15 -6.72 2.07
C TRP A 120 9.80 -7.93 2.66
N GLY A 121 9.46 -9.10 2.11
CA GLY A 121 10.28 -10.29 2.29
C GLY A 121 11.57 -10.22 1.49
N GLN A 122 12.42 -11.22 1.74
CA GLN A 122 13.72 -11.31 1.16
C GLN A 122 13.71 -11.95 -0.24
N GLY A 123 12.60 -12.55 -0.59
CA GLY A 123 12.41 -13.14 -1.92
C GLY A 123 12.72 -14.63 -1.96
N THR A 124 12.07 -15.34 -2.88
CA THR A 124 12.32 -16.77 -3.06
C THR A 124 12.32 -17.05 -4.57
N GLN A 125 13.24 -17.87 -5.03
CA GLN A 125 13.39 -18.12 -6.46
C GLN A 125 12.39 -19.18 -6.92
N VAL A 126 11.74 -18.90 -8.04
CA VAL A 126 10.83 -19.84 -8.72
C VAL A 126 11.35 -19.97 -10.16
N THR A 127 11.70 -21.18 -10.57
CA THR A 127 12.18 -21.38 -11.91
C THR A 127 11.32 -22.41 -12.58
N VAL A 128 10.88 -22.10 -13.80
CA VAL A 128 10.11 -23.05 -14.58
C VAL A 128 10.89 -23.34 -15.86
N SER A 129 11.34 -24.57 -16.01
CA SER A 129 12.12 -24.96 -17.17
C SER A 129 11.92 -26.44 -17.50
N ALA B 2 13.17 7.58 -10.16
CA ALA B 2 11.86 6.98 -9.84
C ALA B 2 10.91 8.00 -9.19
N PHE B 3 9.65 7.66 -9.15
CA PHE B 3 8.60 8.50 -8.59
C PHE B 3 8.89 8.72 -7.10
N THR B 4 9.02 9.97 -6.68
CA THR B 4 9.41 10.28 -5.30
C THR B 4 8.46 11.29 -4.71
N VAL B 5 7.99 11.00 -3.51
CA VAL B 5 7.21 11.92 -2.73
C VAL B 5 8.16 12.60 -1.75
N THR B 6 7.97 13.90 -1.57
CA THR B 6 8.80 14.72 -0.65
C THR B 6 7.93 15.50 0.30
N VAL B 7 8.52 15.99 1.39
CA VAL B 7 7.81 16.82 2.36
C VAL B 7 8.59 18.13 2.59
N PRO B 8 7.89 19.28 2.62
CA PRO B 8 8.61 20.52 2.99
C PRO B 8 9.01 20.56 4.47
N LYS B 9 8.26 19.82 5.29
CA LYS B 9 8.54 19.69 6.71
C LYS B 9 8.16 18.30 7.15
N ASP B 10 8.99 17.68 7.97
CA ASP B 10 8.65 16.37 8.54
C ASP B 10 8.05 16.43 9.95
N LEU B 11 7.91 17.64 10.51
CA LEU B 11 7.44 17.88 11.87
C LEU B 11 6.66 19.18 11.92
N TYR B 12 5.46 19.14 12.48
CA TYR B 12 4.64 20.32 12.70
C TYR B 12 4.30 20.39 14.17
N VAL B 13 4.45 21.58 14.73
CA VAL B 13 4.09 21.81 16.12
C VAL B 13 2.92 22.77 16.11
N VAL B 14 1.80 22.34 16.69
CA VAL B 14 0.55 23.04 16.47
C VAL B 14 -0.14 23.27 17.80
N GLU B 15 -0.91 24.34 17.90
CA GLU B 15 -1.64 24.62 19.13
C GLU B 15 -3.04 23.99 19.10
N TYR B 16 -3.39 23.37 20.22
CA TYR B 16 -4.75 22.89 20.47
C TYR B 16 -5.79 23.92 20.01
N GLY B 17 -6.85 23.44 19.35
CA GLY B 17 -7.91 24.33 18.84
C GLY B 17 -7.63 25.07 17.53
N SER B 18 -6.37 25.14 17.12
CA SER B 18 -6.04 25.78 15.85
C SER B 18 -6.33 24.83 14.67
N ASN B 19 -6.15 25.35 13.46
CA ASN B 19 -6.27 24.58 12.25
C ASN B 19 -4.87 24.32 11.71
N MET B 20 -4.71 23.16 11.09
CA MET B 20 -3.41 22.71 10.59
C MET B 20 -3.56 22.12 9.20
N THR B 21 -2.61 22.44 8.33
CA THR B 21 -2.54 21.80 7.02
C THR B 21 -1.14 21.19 6.86
N ILE B 22 -1.10 19.89 6.62
CA ILE B 22 0.18 19.21 6.35
C ILE B 22 0.24 18.78 4.89
N GLU B 23 1.46 18.73 4.35
CA GLU B 23 1.65 18.60 2.91
C GLU B 23 2.71 17.56 2.49
N CYS B 24 2.39 16.80 1.46
CA CYS B 24 3.36 15.98 0.74
C CYS B 24 3.33 16.50 -0.68
N LYS B 25 4.50 16.48 -1.33
CA LYS B 25 4.60 16.87 -2.72
C LYS B 25 4.94 15.67 -3.61
N PHE B 26 4.44 15.68 -4.84
CA PHE B 26 4.65 14.63 -5.81
C PHE B 26 4.74 15.20 -7.24
N PRO B 27 5.27 14.42 -8.17
CA PRO B 27 5.45 14.92 -9.55
C PRO B 27 4.15 15.31 -10.25
N VAL B 28 4.13 16.45 -10.93
CA VAL B 28 2.98 16.90 -11.76
C VAL B 28 3.14 16.55 -13.23
N GLU B 29 2.01 16.31 -13.88
CA GLU B 29 1.90 16.30 -15.34
C GLU B 29 1.36 17.68 -15.72
N LYS B 30 1.29 17.99 -17.02
CA LYS B 30 0.74 19.25 -17.45
C LYS B 30 -0.76 19.33 -17.16
N GLN B 31 -1.40 18.16 -17.13
CA GLN B 31 -2.83 18.02 -16.83
C GLN B 31 -2.98 16.98 -15.74
N LEU B 32 -3.73 17.30 -14.70
CA LEU B 32 -4.04 16.37 -13.65
C LEU B 32 -4.89 15.19 -14.21
N ASP B 33 -4.32 13.99 -14.30
CA ASP B 33 -5.05 12.79 -14.70
C ASP B 33 -5.66 12.07 -13.48
N LEU B 34 -6.91 12.37 -13.17
CA LEU B 34 -7.54 11.76 -11.99
C LEU B 34 -7.67 10.24 -12.07
N ALA B 35 -7.80 9.68 -13.28
CA ALA B 35 -8.00 8.23 -13.40
C ALA B 35 -6.79 7.45 -12.87
N ALA B 36 -5.62 8.07 -12.94
CA ALA B 36 -4.37 7.42 -12.52
C ALA B 36 -3.95 7.71 -11.09
N LEU B 37 -4.48 8.78 -10.50
CA LEU B 37 -4.07 9.27 -9.18
C LEU B 37 -4.78 8.57 -8.01
N ILE B 38 -3.99 8.15 -7.04
CA ILE B 38 -4.49 7.77 -5.75
C ILE B 38 -3.75 8.55 -4.66
N VAL B 39 -4.50 9.15 -3.74
CA VAL B 39 -3.94 9.84 -2.59
C VAL B 39 -4.45 9.19 -1.32
N TYR B 40 -3.53 8.77 -0.44
CA TYR B 40 -3.86 8.03 0.76
C TYR B 40 -3.22 8.73 1.96
N TRP B 41 -4.02 9.15 2.90
CA TRP B 41 -3.52 9.71 4.15
C TRP B 41 -3.98 8.85 5.33
N GLU B 42 -3.07 8.58 6.27
CA GLU B 42 -3.41 7.87 7.48
C GLU B 42 -2.72 8.53 8.66
N MET B 43 -3.25 8.26 9.86
CA MET B 43 -2.50 8.56 11.07
C MET B 43 -2.25 7.24 11.75
N GLU B 44 -0.97 6.96 11.98
CA GLU B 44 -0.49 5.59 12.30
C GLU B 44 -1.05 4.68 11.20
N ASP B 45 -1.99 3.78 11.54
CA ASP B 45 -2.54 2.87 10.53
C ASP B 45 -4.01 3.19 10.24
N LYS B 46 -4.51 4.27 10.84
CA LYS B 46 -5.93 4.61 10.68
C LYS B 46 -6.12 5.50 9.48
N ASN B 47 -6.94 5.06 8.53
CA ASN B 47 -7.12 5.84 7.31
C ASN B 47 -7.91 7.10 7.54
N ILE B 48 -7.44 8.19 6.95
CA ILE B 48 -8.14 9.46 6.97
C ILE B 48 -8.70 9.78 5.60
N ILE B 49 -7.87 9.68 4.56
CA ILE B 49 -8.27 10.03 3.19
C ILE B 49 -7.96 8.88 2.25
N GLN B 50 -8.91 8.52 1.39
CA GLN B 50 -8.61 7.75 0.18
C GLN B 50 -9.31 8.47 -0.97
N PHE B 51 -8.49 9.10 -1.79
CA PHE B 51 -8.94 9.81 -2.99
C PHE B 51 -8.50 9.05 -4.22
N VAL B 52 -9.51 8.43 -4.86
CA VAL B 52 -9.33 7.39 -5.85
C VAL B 52 -10.22 7.69 -7.06
N HIS B 53 -9.71 7.60 -8.27
CA HIS B 53 -10.57 7.86 -9.46
C HIS B 53 -11.23 9.27 -9.36
N GLY B 54 -10.59 10.24 -8.73
CA GLY B 54 -11.18 11.58 -8.61
C GLY B 54 -12.32 11.71 -7.61
N GLU B 55 -12.47 10.70 -6.74
CA GLU B 55 -13.55 10.65 -5.75
C GLU B 55 -13.01 10.33 -4.37
N GLU B 56 -13.51 11.00 -3.36
CA GLU B 56 -13.19 10.61 -1.99
C GLU B 56 -14.06 9.40 -1.59
N ASP B 57 -13.44 8.40 -0.98
CA ASP B 57 -14.10 7.19 -0.49
C ASP B 57 -15.07 7.64 0.59
N LEU B 58 -16.36 7.35 0.45
CA LEU B 58 -17.34 7.83 1.44
C LEU B 58 -17.27 7.05 2.73
N LYS B 59 -16.92 7.74 3.82
CA LYS B 59 -16.97 7.15 5.15
C LYS B 59 -18.34 7.30 5.82
N VAL B 60 -18.74 6.26 6.51
CA VAL B 60 -19.99 6.27 7.25
C VAL B 60 -19.77 6.19 8.77
N GLN B 61 -18.60 5.69 9.16
CA GLN B 61 -18.30 5.51 10.58
C GLN B 61 -17.92 6.83 11.21
N HIS B 62 -18.67 7.21 12.24
CA HIS B 62 -18.34 8.37 13.06
C HIS B 62 -16.92 8.17 13.58
N SER B 63 -16.02 9.10 13.28
CA SER B 63 -14.65 9.00 13.78
C SER B 63 -14.13 10.39 14.15
N SER B 64 -12.92 10.40 14.72
CA SER B 64 -12.26 11.64 15.11
C SER B 64 -12.09 12.56 13.90
N TYR B 65 -11.67 11.98 12.78
CA TYR B 65 -11.27 12.74 11.61
C TYR B 65 -12.41 13.02 10.61
N ARG B 66 -13.45 12.19 10.63
CA ARG B 66 -14.48 12.19 9.57
C ARG B 66 -15.15 13.55 9.26
N GLN B 67 -15.25 14.44 10.24
CA GLN B 67 -15.80 15.78 9.98
C GLN B 67 -14.75 16.93 9.97
N ARG B 68 -13.55 16.68 10.48
CA ARG B 68 -12.55 17.75 10.63
C ARG B 68 -11.44 17.69 9.58
N ALA B 69 -11.38 16.59 8.83
CA ALA B 69 -10.25 16.33 7.91
C ALA B 69 -10.68 16.42 6.47
N ARG B 70 -9.91 17.15 5.67
CA ARG B 70 -10.16 17.10 4.25
C ARG B 70 -8.92 17.33 3.43
N LEU B 71 -8.96 16.73 2.24
CA LEU B 71 -7.90 16.88 1.25
C LEU B 71 -8.23 18.11 0.42
N LEU B 72 -7.25 19.00 0.25
CA LEU B 72 -7.44 20.25 -0.52
C LEU B 72 -7.26 19.91 -1.99
N LYS B 73 -8.37 19.56 -2.63
CA LYS B 73 -8.31 19.01 -3.97
C LYS B 73 -7.76 19.96 -5.02
N ASP B 74 -7.95 21.25 -4.86
CA ASP B 74 -7.47 22.23 -5.85
C ASP B 74 -5.93 22.35 -5.83
N GLN B 75 -5.27 21.75 -4.85
CA GLN B 75 -3.81 21.77 -4.81
C GLN B 75 -3.18 20.56 -5.55
N LEU B 76 -3.97 19.54 -5.87
CA LEU B 76 -3.43 18.32 -6.48
C LEU B 76 -2.73 18.58 -7.79
N SER B 77 -3.31 19.43 -8.63
CA SER B 77 -2.70 19.72 -9.95
C SER B 77 -1.37 20.49 -9.87
N LEU B 78 -1.10 21.07 -8.69
CA LEU B 78 0.17 21.73 -8.40
C LEU B 78 1.15 20.76 -7.74
N GLY B 79 0.77 19.49 -7.60
CA GLY B 79 1.68 18.50 -7.03
C GLY B 79 1.70 18.51 -5.53
N ASN B 80 0.65 19.05 -4.91
CA ASN B 80 0.53 19.10 -3.45
C ASN B 80 -0.61 18.23 -2.97
N ALA B 81 -0.30 17.24 -2.14
CA ALA B 81 -1.28 16.48 -1.35
C ALA B 81 -1.36 17.16 0.02
N ALA B 82 -2.41 17.95 0.24
CA ALA B 82 -2.53 18.79 1.42
C ALA B 82 -3.72 18.35 2.23
N LEU B 83 -3.44 17.92 3.46
CA LEU B 83 -4.48 17.49 4.42
C LEU B 83 -4.69 18.55 5.46
N GLN B 84 -5.91 19.08 5.48
CA GLN B 84 -6.31 20.12 6.39
C GLN B 84 -7.14 19.49 7.48
N ILE B 85 -6.72 19.70 8.73
CA ILE B 85 -7.46 19.25 9.89
C ILE B 85 -7.84 20.48 10.69
N THR B 86 -9.12 20.65 10.93
CA THR B 86 -9.62 21.79 11.69
C THR B 86 -9.81 21.41 13.15
N ASP B 87 -9.79 22.43 14.01
CA ASP B 87 -10.03 22.26 15.45
C ASP B 87 -9.15 21.16 16.05
N VAL B 88 -7.84 21.36 15.94
CA VAL B 88 -6.87 20.35 16.33
C VAL B 88 -7.02 19.91 17.80
N LYS B 89 -7.01 18.61 18.02
CA LYS B 89 -7.15 18.02 19.36
C LYS B 89 -5.87 17.32 19.79
N LEU B 90 -5.74 17.06 21.09
CA LEU B 90 -4.54 16.39 21.61
C LEU B 90 -4.34 15.04 20.94
N GLN B 91 -5.44 14.39 20.59
CA GLN B 91 -5.40 13.06 19.98
C GLN B 91 -4.91 13.09 18.55
N ASP B 92 -4.88 14.29 17.95
CA ASP B 92 -4.31 14.49 16.62
C ASP B 92 -2.76 14.44 16.57
N ALA B 93 -2.10 14.45 17.73
CA ALA B 93 -0.65 14.32 17.78
C ALA B 93 -0.22 12.89 17.41
N GLY B 94 0.80 12.78 16.56
CA GLY B 94 1.32 11.47 16.21
C GLY B 94 1.92 11.48 14.83
N VAL B 95 2.12 10.28 14.28
CA VAL B 95 2.76 10.16 12.97
C VAL B 95 1.72 9.97 11.88
N TYR B 96 1.75 10.85 10.88
CA TYR B 96 0.91 10.80 9.71
C TYR B 96 1.74 10.25 8.54
N ARG B 97 1.08 9.58 7.61
CA ARG B 97 1.75 9.15 6.41
C ARG B 97 0.89 9.42 5.18
N CYS B 98 1.54 9.93 4.12
CA CYS B 98 0.90 10.09 2.82
C CYS B 98 1.52 9.07 1.88
N MET B 99 0.67 8.38 1.13
CA MET B 99 1.11 7.56 0.00
C MET B 99 0.40 8.10 -1.25
N ILE B 100 1.20 8.44 -2.26
CA ILE B 100 0.67 8.90 -3.52
C ILE B 100 1.12 7.94 -4.60
N SER B 101 0.16 7.57 -5.44
CA SER B 101 0.40 6.76 -6.64
C SER B 101 -0.11 7.53 -7.86
N TYR B 102 0.77 7.69 -8.86
CA TYR B 102 0.49 8.56 -10.02
C TYR B 102 1.53 8.11 -11.03
N GLY B 103 1.30 6.90 -11.53
CA GLY B 103 2.24 6.11 -12.32
C GLY B 103 2.99 5.18 -11.36
N GLY B 104 4.08 5.70 -10.84
CA GLY B 104 4.83 5.07 -9.77
C GLY B 104 4.16 5.45 -8.47
N ALA B 105 4.76 5.03 -7.35
CA ALA B 105 4.22 5.36 -6.05
C ALA B 105 5.34 5.49 -4.99
N ASP B 106 5.05 6.30 -3.97
CA ASP B 106 5.99 6.50 -2.86
C ASP B 106 5.20 7.06 -1.68
N TYR B 107 5.87 7.22 -0.55
CA TYR B 107 5.22 7.69 0.66
C TYR B 107 6.22 8.43 1.51
N LYS B 108 5.68 9.27 2.39
CA LYS B 108 6.49 9.94 3.43
C LYS B 108 5.69 10.06 4.71
N ARG B 109 6.41 10.16 5.82
CA ARG B 109 5.84 10.38 7.14
C ARG B 109 6.07 11.80 7.66
N ILE B 110 5.09 12.29 8.41
CA ILE B 110 5.11 13.62 9.02
C ILE B 110 4.63 13.47 10.46
N THR B 111 5.39 14.00 11.40
CA THR B 111 4.99 13.98 12.80
C THR B 111 4.30 15.29 13.16
N VAL B 112 3.23 15.19 13.95
CA VAL B 112 2.53 16.38 14.47
C VAL B 112 2.59 16.35 15.98
N LYS B 113 3.03 17.45 16.59
CA LYS B 113 2.95 17.64 18.04
C LYS B 113 1.91 18.71 18.30
N VAL B 114 1.11 18.50 19.34
CA VAL B 114 0.05 19.43 19.71
C VAL B 114 0.33 19.95 21.11
N ASN B 115 0.30 21.26 21.25
CA ASN B 115 0.45 21.91 22.57
C ASN B 115 -0.90 22.38 23.08
N ALA B 116 -1.05 22.40 24.41
CA ALA B 116 -2.25 22.94 25.09
C ALA B 116 -1.84 23.97 26.13
NA NA C . -4.69 -22.70 10.35
CL CL D . -4.27 -7.10 -14.12
CL CL E . -2.13 -7.60 -8.97
CL CL F . -6.06 -22.54 8.38
S SO4 G . 10.80 3.28 5.10
O1 SO4 G . 10.82 4.65 5.64
O2 SO4 G . 9.59 2.55 5.46
O3 SO4 G . 11.99 2.56 5.62
O4 SO4 G . 10.89 3.34 3.62
NA NA H . -5.13 20.70 -14.48
#